data_7LYX
#
_entry.id   7LYX
#
_cell.length_a   58.344
_cell.length_b   89.234
_cell.length_c   107.984
_cell.angle_alpha   90.000
_cell.angle_beta   90.000
_cell.angle_gamma   90.000
#
_symmetry.space_group_name_H-M   'P 21 21 21'
#
loop_
_entity.id
_entity.type
_entity.pdbx_description
1 polymer '7-alpha-hydroxycholest-4-en-3-one 12-alpha-hydroxylase'
2 non-polymer 'PROTOPORPHYRIN IX CONTAINING FE'
3 non-polymer (S)-Tioconazole
4 non-polymer GLYCEROL
5 non-polymer 'POTASSIUM ION'
6 water water
#
_entity_poly.entity_id   1
_entity_poly.type   'polypeptide(L)'
_entity_poly.pdbx_seq_one_letter_code
;MAKKTSSRQRRPWEPPLDKGTVPWLGHAMAFRKNMFEFLKRMRTKHGDVFTVQLGGQYFTFVMDPLSFGSILKDTQRKLD
FGQYAKKLVLKVFGYRSVQGDHEMIHSASTKHLRGDGLKDLNETMLDSLSFVMLTSKGWSLDASCWHEDSLFRFCYYILF
TAGYLSLFGYTKDKEQDLLQAGELFMEFRKFDLLFPRFVYSLLWPREWLEVGRLQRLFHKMLSVSHSQEKEGISNWLGNM
LQFLREQGVPSAMQDKFNFMMLWASQGNTGPTSFWALLYLLKHPEAIRAVREEATQVLGEARLETKQSFAFKLGALQHTP
VLDSVVEETLRLRAAPTLLRLVHEDYTLKMSSGQEYLFRHGDILALFPYLSVHMDPDIHPEPTVFKYDRFLNPNGSRKVD
FFKTGKKIHHYTMPWGSGVSICPGRFFALSEVKLFILLMVTHFDLELVDPDTPLPHVDPQRWGFGTMQPSHDVRFRYRLH
PTEHHHHHH
;
_entity_poly.pdbx_strand_id   A
#
# COMPACT_ATOMS: atom_id res chain seq x y z
N ARG A 8 8.43 -30.94 12.49
CA ARG A 8 9.48 -30.03 12.95
C ARG A 8 9.58 -30.07 14.46
N GLN A 9 10.79 -30.30 14.95
CA GLN A 9 11.10 -30.26 16.37
C GLN A 9 12.05 -29.10 16.61
N ARG A 10 11.70 -28.24 17.55
CA ARG A 10 12.49 -27.07 17.85
C ARG A 10 13.80 -27.36 18.58
N ARG A 11 14.84 -26.59 18.28
CA ARG A 11 16.11 -26.72 18.92
C ARG A 11 16.23 -25.61 19.95
N PRO A 12 17.03 -25.80 20.99
CA PRO A 12 17.14 -24.79 22.05
C PRO A 12 17.50 -23.41 21.54
N TRP A 13 18.28 -23.33 20.45
CA TRP A 13 18.76 -22.04 19.95
C TRP A 13 17.78 -21.36 19.00
N GLU A 14 16.68 -22.01 18.66
CA GLU A 14 15.66 -21.40 17.83
C GLU A 14 14.64 -20.70 18.71
N PRO A 15 13.86 -19.78 18.15
CA PRO A 15 12.77 -19.15 18.93
C PRO A 15 11.70 -20.15 19.26
N PRO A 16 10.81 -19.83 20.20
CA PRO A 16 9.71 -20.75 20.53
C PRO A 16 8.85 -21.06 19.32
N LEU A 17 8.35 -22.29 19.26
CA LEU A 17 7.54 -22.78 18.16
C LEU A 17 6.17 -23.16 18.70
N ASP A 18 5.15 -22.38 18.35
CA ASP A 18 3.80 -22.58 18.84
C ASP A 18 2.99 -23.34 17.80
N LYS A 19 2.57 -24.56 18.14
CA LYS A 19 1.84 -25.43 17.23
C LYS A 19 0.32 -25.29 17.37
N GLY A 20 -0.16 -24.44 18.27
CA GLY A 20 -1.58 -24.23 18.42
C GLY A 20 -2.25 -25.26 19.33
N THR A 21 -3.34 -24.87 19.98
CA THR A 21 -4.03 -25.78 20.88
C THR A 21 -4.44 -27.06 20.16
N VAL A 22 -5.22 -26.90 19.09
CA VAL A 22 -5.52 -28.00 18.18
C VAL A 22 -4.36 -28.09 17.20
N PRO A 23 -3.44 -29.07 17.33
CA PRO A 23 -2.44 -29.26 16.27
C PRO A 23 -3.14 -29.62 14.97
N TRP A 24 -2.38 -29.96 13.93
CA TRP A 24 -2.92 -30.27 12.60
C TRP A 24 -3.96 -29.25 12.12
N LEU A 25 -4.06 -28.12 12.81
CA LEU A 25 -4.87 -26.98 12.40
C LEU A 25 -4.03 -25.71 12.43
N GLY A 26 -3.20 -25.53 13.46
CA GLY A 26 -2.30 -24.40 13.55
C GLY A 26 -3.06 -23.14 13.89
N HIS A 27 -2.51 -22.03 13.43
CA HIS A 27 -3.06 -20.72 13.68
C HIS A 27 -3.63 -20.07 12.43
N ALA A 28 -3.63 -20.77 11.29
CA ALA A 28 -4.12 -20.18 10.05
C ALA A 28 -5.47 -19.50 10.26
N MET A 29 -6.35 -20.13 11.02
CA MET A 29 -7.71 -19.59 11.23
C MET A 29 -7.67 -18.28 12.00
N ALA A 30 -6.96 -18.25 13.14
CA ALA A 30 -6.88 -17.01 13.90
C ALA A 30 -5.99 -15.98 13.21
N PHE A 31 -5.01 -16.44 12.42
CA PHE A 31 -4.09 -15.52 11.76
C PHE A 31 -4.80 -14.79 10.62
N ARG A 32 -5.51 -15.52 9.76
CA ARG A 32 -6.15 -14.89 8.61
C ARG A 32 -7.34 -14.05 9.04
N LYS A 33 -8.05 -14.45 10.10
CA LYS A 33 -9.20 -13.70 10.57
C LYS A 33 -8.81 -12.29 10.99
N ASN A 34 -7.87 -12.19 11.93
CA ASN A 34 -7.40 -10.91 12.45
C ASN A 34 -5.91 -11.08 12.73
N MET A 35 -5.07 -10.83 11.71
CA MET A 35 -3.64 -10.96 11.86
C MET A 35 -3.10 -10.03 12.95
N PHE A 36 -3.68 -8.83 13.04
CA PHE A 36 -3.22 -7.85 14.02
C PHE A 36 -3.44 -8.36 15.44
N GLU A 37 -4.63 -8.87 15.72
CA GLU A 37 -4.92 -9.36 17.07
C GLU A 37 -4.20 -10.66 17.36
N PHE A 38 -3.97 -11.49 16.34
CA PHE A 38 -3.26 -12.74 16.56
C PHE A 38 -1.82 -12.47 17.00
N LEU A 39 -1.14 -11.55 16.30
CA LEU A 39 0.23 -11.24 16.67
C LEU A 39 0.31 -10.56 18.03
N LYS A 40 -0.70 -9.75 18.38
CA LYS A 40 -0.73 -9.14 19.70
C LYS A 40 -0.72 -10.19 20.80
N ARG A 41 -1.58 -11.20 20.66
CA ARG A 41 -1.64 -12.26 21.66
C ARG A 41 -0.33 -13.03 21.71
N MET A 42 0.27 -13.31 20.54
CA MET A 42 1.49 -14.11 20.51
C MET A 42 2.65 -13.34 21.13
N ARG A 43 2.74 -12.04 20.89
CA ARG A 43 3.81 -11.26 21.50
C ARG A 43 3.77 -11.37 23.01
N THR A 44 2.57 -11.24 23.61
CA THR A 44 2.48 -11.33 25.05
C THR A 44 2.76 -12.74 25.55
N LYS A 45 2.50 -13.75 24.73
CA LYS A 45 2.64 -15.13 25.17
C LYS A 45 4.08 -15.62 25.04
N HIS A 46 4.71 -15.35 23.90
CA HIS A 46 6.05 -15.86 23.63
C HIS A 46 7.13 -14.79 23.68
N GLY A 47 6.76 -13.54 23.86
CA GLY A 47 7.73 -12.47 23.72
C GLY A 47 7.86 -12.05 22.26
N ASP A 48 8.95 -11.35 21.98
CA ASP A 48 9.07 -10.64 20.71
C ASP A 48 9.34 -11.56 19.53
N VAL A 49 9.90 -12.75 19.74
CA VAL A 49 10.26 -13.65 18.64
C VAL A 49 9.54 -14.98 18.84
N PHE A 50 8.77 -15.38 17.84
CA PHE A 50 8.07 -16.65 17.87
C PHE A 50 7.88 -17.16 16.44
N THR A 51 7.67 -18.46 16.32
CA THR A 51 7.54 -19.13 15.03
C THR A 51 6.21 -19.87 14.97
N VAL A 52 5.59 -19.84 13.78
CA VAL A 52 4.31 -20.50 13.52
C VAL A 52 4.33 -21.00 12.08
N GLN A 53 3.49 -21.99 11.81
CA GLN A 53 3.35 -22.54 10.47
C GLN A 53 2.09 -21.97 9.83
N LEU A 54 2.24 -21.34 8.67
CA LEU A 54 1.12 -20.82 7.89
C LEU A 54 1.28 -21.28 6.45
N GLY A 55 0.18 -21.74 5.87
CA GLY A 55 0.29 -22.43 4.59
C GLY A 55 1.27 -23.57 4.73
N GLY A 56 2.14 -23.72 3.72
CA GLY A 56 3.19 -24.71 3.82
C GLY A 56 4.35 -24.27 4.69
N GLN A 57 4.55 -22.95 4.81
CA GLN A 57 5.79 -22.40 5.31
C GLN A 57 5.78 -22.26 6.83
N TYR A 58 6.98 -22.10 7.39
CA TYR A 58 7.19 -21.71 8.78
C TYR A 58 7.58 -20.24 8.82
N PHE A 59 6.86 -19.46 9.62
CA PHE A 59 7.10 -18.02 9.73
C PHE A 59 7.66 -17.70 11.11
N THR A 60 8.65 -16.81 11.15
CA THR A 60 9.26 -16.36 12.39
C THR A 60 9.11 -14.85 12.48
N PHE A 61 8.34 -14.40 13.46
CA PHE A 61 8.03 -12.97 13.62
C PHE A 61 8.99 -12.32 14.61
N VAL A 62 9.43 -11.13 14.27
CA VAL A 62 10.30 -10.32 15.13
C VAL A 62 9.55 -9.02 15.40
N MET A 63 9.11 -8.84 16.65
CA MET A 63 8.33 -7.67 17.02
C MET A 63 9.13 -6.62 17.77
N ASP A 64 10.38 -6.91 18.13
CA ASP A 64 11.22 -5.90 18.79
C ASP A 64 11.71 -4.90 17.77
N PRO A 65 11.17 -3.67 17.77
CA PRO A 65 11.64 -2.68 16.77
C PRO A 65 13.13 -2.43 16.82
N LEU A 66 13.77 -2.60 17.98
CA LEU A 66 15.19 -2.30 18.08
C LEU A 66 16.03 -3.26 17.24
N SER A 67 15.57 -4.48 17.05
CA SER A 67 16.29 -5.46 16.25
C SER A 67 16.02 -5.31 14.76
N PHE A 68 15.14 -4.40 14.35
CA PHE A 68 14.88 -4.18 12.94
C PHE A 68 16.12 -3.71 12.19
N GLY A 69 17.11 -3.16 12.90
CA GLY A 69 18.30 -2.62 12.27
C GLY A 69 19.02 -3.62 11.38
N SER A 70 19.66 -4.61 12.01
CA SER A 70 20.45 -5.57 11.23
C SER A 70 19.59 -6.29 10.21
N ILE A 71 18.35 -6.62 10.57
CA ILE A 71 17.50 -7.40 9.67
C ILE A 71 17.31 -6.66 8.34
N LEU A 72 17.10 -5.34 8.40
CA LEU A 72 16.75 -4.59 7.20
C LEU A 72 17.99 -4.25 6.38
N LYS A 73 19.04 -3.76 7.04
CA LYS A 73 20.36 -3.68 6.43
C LYS A 73 20.95 -5.08 6.45
N ASP A 74 20.51 -5.92 5.51
CA ASP A 74 21.01 -7.29 5.41
C ASP A 74 22.45 -7.22 4.92
N THR A 75 23.35 -6.82 5.83
CA THR A 75 24.75 -6.62 5.50
C THR A 75 25.28 -7.76 4.62
N GLN A 76 25.15 -8.99 5.10
CA GLN A 76 25.48 -10.15 4.29
C GLN A 76 24.29 -10.50 3.40
N ARG A 77 24.46 -11.53 2.58
CA ARG A 77 23.44 -11.92 1.61
C ARG A 77 22.68 -13.11 2.17
N LYS A 78 21.67 -12.82 3.00
CA LYS A 78 20.96 -13.87 3.71
C LYS A 78 19.44 -13.77 3.67
N LEU A 79 18.86 -12.60 3.44
CA LEU A 79 17.42 -12.45 3.40
C LEU A 79 16.99 -11.92 2.04
N ASP A 80 15.90 -12.47 1.51
CA ASP A 80 15.47 -12.16 0.15
C ASP A 80 13.96 -12.05 0.10
N PHE A 81 13.47 -10.86 -0.25
CA PHE A 81 12.03 -10.62 -0.37
C PHE A 81 11.45 -11.26 -1.63
N GLY A 82 12.22 -11.26 -2.72
CA GLY A 82 11.66 -11.67 -3.99
C GLY A 82 11.35 -13.15 -4.09
N GLN A 83 12.13 -13.99 -3.41
CA GLN A 83 11.88 -15.43 -3.48
C GLN A 83 10.52 -15.78 -2.90
N TYR A 84 10.03 -15.00 -1.93
CA TYR A 84 8.68 -15.22 -1.43
C TYR A 84 7.64 -14.55 -2.32
N ALA A 85 7.90 -13.31 -2.72
CA ALA A 85 6.90 -12.54 -3.45
C ALA A 85 6.55 -13.21 -4.78
N LYS A 86 7.53 -13.79 -5.47
CA LYS A 86 7.26 -14.37 -6.77
C LYS A 86 6.30 -15.56 -6.66
N LYS A 87 6.28 -16.23 -5.51
CA LYS A 87 5.30 -17.29 -5.32
C LYS A 87 3.90 -16.72 -5.20
N LEU A 88 3.76 -15.56 -4.55
CA LEU A 88 2.45 -14.97 -4.34
C LEU A 88 1.86 -14.44 -5.63
N VAL A 89 2.65 -13.65 -6.39
CA VAL A 89 2.13 -13.11 -7.64
C VAL A 89 1.85 -14.21 -8.65
N LEU A 90 2.54 -15.34 -8.54
CA LEU A 90 2.27 -16.46 -9.44
C LEU A 90 0.87 -17.03 -9.22
N LYS A 91 0.49 -17.23 -7.96
CA LYS A 91 -0.85 -17.72 -7.66
C LYS A 91 -1.90 -16.71 -8.07
N VAL A 92 -1.67 -15.43 -7.74
CA VAL A 92 -2.73 -14.43 -7.85
C VAL A 92 -2.83 -13.88 -9.26
N PHE A 93 -1.69 -13.73 -9.95
CA PHE A 93 -1.67 -13.16 -11.28
C PHE A 93 -1.14 -14.12 -12.33
N GLY A 94 -0.59 -15.26 -11.93
CA GLY A 94 -0.02 -16.19 -12.88
C GLY A 94 1.24 -15.69 -13.56
N TYR A 95 1.85 -14.60 -13.07
CA TYR A 95 3.10 -14.15 -13.65
C TYR A 95 4.24 -15.01 -13.14
N ARG A 96 5.10 -15.46 -14.05
CA ARG A 96 6.23 -16.31 -13.72
C ARG A 96 7.50 -15.48 -13.81
N SER A 97 8.11 -15.20 -12.66
CA SER A 97 9.32 -14.40 -12.62
C SER A 97 10.36 -14.98 -13.56
N VAL A 98 11.03 -14.10 -14.30
CA VAL A 98 12.14 -14.46 -15.16
C VAL A 98 13.41 -13.86 -14.56
N GLN A 99 14.55 -14.45 -14.95
CA GLN A 99 15.83 -13.99 -14.42
C GLN A 99 16.01 -12.51 -14.71
N GLY A 100 16.05 -11.71 -13.65
CA GLY A 100 16.43 -10.31 -13.75
C GLY A 100 15.28 -9.32 -13.62
N ASP A 101 14.03 -9.78 -13.67
CA ASP A 101 12.92 -8.83 -13.67
C ASP A 101 12.89 -8.02 -12.38
N HIS A 102 13.36 -8.60 -11.27
CA HIS A 102 13.39 -7.83 -10.02
C HIS A 102 14.20 -6.56 -10.19
N GLU A 103 15.36 -6.65 -10.83
CA GLU A 103 16.22 -5.49 -11.01
C GLU A 103 15.67 -4.56 -12.08
N MET A 104 15.08 -5.12 -13.15
CA MET A 104 14.43 -4.30 -14.14
C MET A 104 13.44 -3.33 -13.49
N ILE A 105 12.55 -3.87 -12.65
CA ILE A 105 11.50 -3.05 -12.05
C ILE A 105 12.12 -1.86 -11.32
N HIS A 106 13.13 -2.14 -10.48
CA HIS A 106 13.75 -1.06 -9.70
C HIS A 106 14.43 -0.05 -10.61
N SER A 107 15.19 -0.53 -11.59
CA SER A 107 15.83 0.39 -12.53
C SER A 107 14.79 1.26 -13.22
N ALA A 108 13.76 0.63 -13.80
CA ALA A 108 12.70 1.40 -14.45
C ALA A 108 12.09 2.40 -13.49
N SER A 109 11.95 2.03 -12.22
CA SER A 109 11.29 2.91 -11.26
C SER A 109 12.19 4.07 -10.86
N THR A 110 13.43 3.78 -10.46
CA THR A 110 14.35 4.86 -10.12
C THR A 110 14.51 5.82 -11.30
N LYS A 111 14.52 5.26 -12.52
CA LYS A 111 14.76 6.09 -13.69
C LYS A 111 13.52 6.90 -14.06
N HIS A 112 12.33 6.33 -13.92
CA HIS A 112 11.12 6.97 -14.44
C HIS A 112 10.06 7.31 -13.39
N LEU A 113 10.26 6.95 -12.12
CA LEU A 113 9.33 7.34 -11.06
C LEU A 113 10.05 8.14 -9.99
N ARG A 114 11.13 8.82 -10.39
CA ARG A 114 11.92 9.63 -9.48
C ARG A 114 12.55 10.77 -10.28
N GLY A 115 12.91 11.83 -9.57
CA GLY A 115 13.63 12.92 -10.22
C GLY A 115 12.92 13.40 -11.47
N ASP A 116 13.67 13.44 -12.58
CA ASP A 116 13.13 14.03 -13.81
C ASP A 116 11.97 13.22 -14.36
N GLY A 117 12.15 11.90 -14.46
CA GLY A 117 11.05 11.06 -14.90
C GLY A 117 9.77 11.32 -14.13
N LEU A 118 9.90 11.59 -12.84
CA LEU A 118 8.72 11.75 -11.99
C LEU A 118 8.01 13.06 -12.26
N LYS A 119 8.74 14.13 -12.53
CA LYS A 119 8.08 15.42 -12.75
C LYS A 119 7.40 15.47 -14.12
N ASP A 120 8.06 14.92 -15.14
CA ASP A 120 7.38 14.74 -16.42
C ASP A 120 6.11 13.93 -16.24
N LEU A 121 6.16 12.89 -15.41
CA LEU A 121 4.97 12.09 -15.16
C LEU A 121 3.97 12.83 -14.28
N ASN A 122 4.45 13.57 -13.28
CA ASN A 122 3.54 14.30 -12.40
C ASN A 122 2.72 15.31 -13.18
N GLU A 123 3.28 15.83 -14.27
CA GLU A 123 2.57 16.87 -15.00
C GLU A 123 1.35 16.27 -15.68
N THR A 124 1.48 15.04 -16.17
CA THR A 124 0.36 14.32 -16.76
C THR A 124 -0.65 13.88 -15.70
N MET A 125 -0.15 13.39 -14.55
CA MET A 125 -1.04 13.00 -13.47
C MET A 125 -1.93 14.17 -13.07
N LEU A 126 -1.37 15.37 -12.95
CA LEU A 126 -2.18 16.55 -12.65
C LEU A 126 -3.20 16.78 -13.75
N ASP A 127 -2.76 16.75 -15.00
CA ASP A 127 -3.69 16.92 -16.12
C ASP A 127 -4.83 15.91 -16.04
N SER A 128 -4.50 14.64 -15.79
CA SER A 128 -5.51 13.59 -15.80
C SER A 128 -6.45 13.69 -14.60
N LEU A 129 -5.94 14.16 -13.46
CA LEU A 129 -6.72 14.26 -12.23
C LEU A 129 -7.66 15.45 -12.28
N SER A 130 -7.23 16.55 -12.92
CA SER A 130 -8.14 17.67 -13.15
C SER A 130 -9.25 17.27 -14.11
N PHE A 131 -8.88 16.67 -15.23
CA PHE A 131 -9.87 16.27 -16.23
C PHE A 131 -10.92 15.35 -15.63
N VAL A 132 -10.50 14.36 -14.85
CA VAL A 132 -11.44 13.37 -14.32
C VAL A 132 -12.37 14.02 -13.29
N MET A 133 -11.79 14.80 -12.37
CA MET A 133 -12.61 15.48 -11.37
C MET A 133 -13.69 16.32 -12.04
N LEU A 134 -13.30 17.15 -13.01
CA LEU A 134 -14.24 18.05 -13.65
C LEU A 134 -15.32 17.29 -14.41
N THR A 135 -14.92 16.27 -15.17
CA THR A 135 -15.85 15.63 -16.09
C THR A 135 -16.87 14.77 -15.34
N SER A 136 -16.42 13.96 -14.40
CA SER A 136 -17.30 13.08 -13.65
C SER A 136 -17.82 13.73 -12.37
N LYS A 137 -17.66 15.03 -12.24
CA LYS A 137 -18.06 15.73 -11.02
C LYS A 137 -19.53 15.52 -10.70
N GLY A 138 -20.40 15.71 -11.68
CA GLY A 138 -21.82 15.69 -11.41
C GLY A 138 -22.35 17.10 -11.28
N TRP A 139 -23.49 17.36 -11.91
CA TRP A 139 -23.95 18.70 -12.14
C TRP A 139 -25.47 18.73 -12.09
N SER A 140 -26.01 19.95 -12.13
CA SER A 140 -27.44 20.18 -12.20
C SER A 140 -27.64 21.58 -12.74
N LEU A 141 -28.89 21.90 -13.09
CA LEU A 141 -29.17 23.26 -13.53
C LEU A 141 -29.03 24.26 -12.39
N ASP A 142 -28.96 23.78 -11.15
CA ASP A 142 -28.78 24.62 -9.97
C ASP A 142 -27.31 24.60 -9.57
N ALA A 143 -26.71 25.78 -9.44
CA ALA A 143 -25.28 25.91 -9.23
C ALA A 143 -24.87 25.82 -7.77
N SER A 144 -25.82 25.66 -6.85
CA SER A 144 -25.51 25.45 -5.43
C SER A 144 -25.87 24.05 -4.96
N CYS A 145 -26.12 23.13 -5.88
CA CYS A 145 -26.61 21.80 -5.53
C CYS A 145 -25.50 20.98 -4.90
N TRP A 146 -25.73 20.52 -3.66
CA TRP A 146 -24.86 19.52 -3.07
C TRP A 146 -25.03 18.20 -3.80
N HIS A 147 -23.96 17.42 -3.85
CA HIS A 147 -24.00 16.08 -4.44
C HIS A 147 -23.47 15.10 -3.41
N GLU A 148 -24.31 14.12 -3.05
CA GLU A 148 -23.94 13.10 -2.09
C GLU A 148 -23.27 11.94 -2.82
N ASP A 149 -22.17 11.46 -2.25
CA ASP A 149 -21.46 10.31 -2.78
C ASP A 149 -20.90 9.49 -1.63
N SER A 150 -20.23 8.40 -1.97
CA SER A 150 -19.51 7.58 -1.00
C SER A 150 -18.04 7.93 -1.08
N LEU A 151 -17.46 8.32 0.06
CA LEU A 151 -16.11 8.89 0.05
C LEU A 151 -15.08 7.87 -0.42
N PHE A 152 -15.19 6.62 0.05
CA PHE A 152 -14.18 5.62 -0.33
C PHE A 152 -14.23 5.34 -1.82
N ARG A 153 -15.40 4.98 -2.34
CA ARG A 153 -15.53 4.73 -3.77
C ARG A 153 -15.14 5.96 -4.58
N PHE A 154 -15.47 7.15 -4.07
CA PHE A 154 -15.12 8.38 -4.77
C PHE A 154 -13.62 8.52 -4.91
N CYS A 155 -12.90 8.47 -3.78
CA CYS A 155 -11.45 8.68 -3.84
C CYS A 155 -10.75 7.60 -4.66
N TYR A 156 -11.18 6.37 -4.48
CA TYR A 156 -10.60 5.24 -5.18
C TYR A 156 -10.81 5.33 -6.69
N TYR A 157 -12.01 5.63 -7.13
CA TYR A 157 -12.25 5.83 -8.53
C TYR A 157 -11.44 6.97 -9.11
N ILE A 158 -11.22 8.01 -8.36
CA ILE A 158 -10.47 9.15 -8.89
C ILE A 158 -9.00 8.79 -9.05
N LEU A 159 -8.37 8.29 -7.99
CA LEU A 159 -6.96 7.94 -8.07
C LEU A 159 -6.73 6.82 -9.07
N PHE A 160 -7.67 5.86 -9.16
CA PHE A 160 -7.46 4.75 -10.06
C PHE A 160 -7.53 5.20 -11.52
N THR A 161 -8.57 5.95 -11.88
CA THR A 161 -8.71 6.39 -13.26
C THR A 161 -7.52 7.25 -13.68
N ALA A 162 -7.18 8.26 -12.87
CA ALA A 162 -6.05 9.11 -13.19
C ALA A 162 -4.74 8.32 -13.18
N GLY A 163 -4.58 7.43 -12.20
CA GLY A 163 -3.37 6.62 -12.16
C GLY A 163 -3.26 5.70 -13.36
N TYR A 164 -4.36 5.00 -13.69
CA TYR A 164 -4.37 4.11 -14.83
C TYR A 164 -4.00 4.87 -16.11
N LEU A 165 -4.63 6.02 -16.35
CA LEU A 165 -4.39 6.74 -17.59
C LEU A 165 -3.00 7.36 -17.64
N SER A 166 -2.44 7.72 -16.48
CA SER A 166 -1.11 8.31 -16.47
C SER A 166 -0.04 7.27 -16.76
N LEU A 167 -0.30 6.00 -16.43
CA LEU A 167 0.72 4.96 -16.55
C LEU A 167 0.52 4.07 -17.77
N PHE A 168 -0.70 3.61 -18.01
CA PHE A 168 -0.95 2.63 -19.07
C PHE A 168 -1.41 3.26 -20.38
N GLY A 169 -1.52 4.57 -20.44
CA GLY A 169 -1.70 5.24 -21.71
C GLY A 169 -3.12 5.76 -21.89
N TYR A 170 -3.24 6.73 -22.79
CA TYR A 170 -4.51 7.34 -23.15
C TYR A 170 -4.62 7.33 -24.66
N THR A 171 -5.81 7.61 -25.17
CA THR A 171 -6.08 7.51 -26.59
C THR A 171 -6.53 8.86 -27.15
N LYS A 172 -7.01 8.82 -28.39
CA LYS A 172 -7.42 10.05 -29.07
C LYS A 172 -8.67 10.64 -28.44
N ASP A 173 -9.66 9.79 -28.17
CA ASP A 173 -10.90 10.21 -27.52
C ASP A 173 -10.69 10.12 -26.00
N LYS A 174 -10.63 11.30 -25.33
CA LYS A 174 -10.19 11.35 -23.96
C LYS A 174 -11.42 11.09 -23.04
N GLU A 175 -12.65 11.40 -23.49
CA GLU A 175 -13.86 10.99 -22.77
C GLU A 175 -14.01 9.47 -22.76
N GLN A 176 -13.81 8.82 -23.91
CA GLN A 176 -13.88 7.37 -23.98
C GLN A 176 -12.90 6.74 -23.00
N ASP A 177 -11.67 7.25 -22.94
CA ASP A 177 -10.70 6.77 -21.97
C ASP A 177 -11.30 6.73 -20.57
N LEU A 178 -11.93 7.84 -20.16
CA LEU A 178 -12.52 7.90 -18.83
C LEU A 178 -13.60 6.84 -18.67
N LEU A 179 -14.47 6.69 -19.65
CA LEU A 179 -15.57 5.74 -19.53
C LEU A 179 -15.06 4.34 -19.25
N GLN A 180 -14.26 3.76 -20.15
CA GLN A 180 -13.67 2.47 -19.82
C GLN A 180 -12.87 2.52 -18.52
N ALA A 181 -12.00 3.53 -18.34
CA ALA A 181 -11.28 3.64 -17.07
C ALA A 181 -12.22 3.42 -15.89
N GLY A 182 -13.41 4.01 -15.95
CA GLY A 182 -14.40 3.76 -14.90
C GLY A 182 -14.94 2.36 -14.94
N GLU A 183 -15.21 1.84 -16.14
CA GLU A 183 -15.64 0.45 -16.26
C GLU A 183 -14.58 -0.50 -15.72
N LEU A 184 -13.32 -0.25 -16.03
CA LEU A 184 -12.24 -1.06 -15.47
C LEU A 184 -12.21 -0.93 -13.95
N PHE A 185 -12.42 0.28 -13.44
CA PHE A 185 -12.41 0.47 -12.00
C PHE A 185 -13.41 -0.45 -11.32
N MET A 186 -14.67 -0.42 -11.77
CA MET A 186 -15.68 -1.28 -11.17
C MET A 186 -15.19 -2.71 -11.06
N GLU A 187 -14.64 -3.24 -12.16
CA GLU A 187 -14.15 -4.61 -12.16
C GLU A 187 -12.87 -4.76 -11.34
N PHE A 188 -12.01 -3.74 -11.35
CA PHE A 188 -10.84 -3.75 -10.48
C PHE A 188 -11.25 -3.87 -9.02
N ARG A 189 -12.23 -3.07 -8.59
CA ARG A 189 -12.67 -3.10 -7.21
C ARG A 189 -13.17 -4.48 -6.81
N LYS A 190 -13.80 -5.20 -7.74
CA LYS A 190 -14.23 -6.57 -7.44
C LYS A 190 -13.02 -7.47 -7.19
N PHE A 191 -11.98 -7.34 -8.01
CA PHE A 191 -10.78 -8.14 -7.80
C PHE A 191 -10.10 -7.76 -6.50
N ASP A 192 -9.95 -6.46 -6.25
CA ASP A 192 -9.29 -6.01 -5.02
C ASP A 192 -9.98 -6.57 -3.79
N LEU A 193 -11.31 -6.67 -3.81
CA LEU A 193 -12.03 -7.09 -2.62
C LEU A 193 -11.78 -8.56 -2.29
N LEU A 194 -11.59 -9.41 -3.30
CA LEU A 194 -11.34 -10.82 -3.09
C LEU A 194 -9.87 -11.15 -2.88
N PHE A 195 -9.00 -10.15 -2.91
CA PHE A 195 -7.57 -10.43 -3.03
C PHE A 195 -6.99 -11.09 -1.78
N PRO A 196 -7.23 -10.59 -0.57
CA PRO A 196 -6.70 -11.30 0.61
C PRO A 196 -7.21 -12.72 0.71
N ARG A 197 -8.51 -12.93 0.51
CA ARG A 197 -9.06 -14.28 0.58
C ARG A 197 -8.58 -15.15 -0.58
N PHE A 198 -8.28 -14.53 -1.73
CA PHE A 198 -7.64 -15.27 -2.81
C PHE A 198 -6.26 -15.75 -2.40
N VAL A 199 -5.43 -14.85 -1.87
CA VAL A 199 -4.10 -15.23 -1.39
C VAL A 199 -4.19 -16.37 -0.39
N TYR A 200 -5.26 -16.40 0.42
CA TYR A 200 -5.45 -17.39 1.47
C TYR A 200 -6.28 -18.58 1.01
N SER A 201 -6.77 -18.58 -0.23
CA SER A 201 -7.63 -19.65 -0.73
C SER A 201 -8.85 -19.85 0.16
N LEU A 202 -9.43 -18.76 0.62
CA LEU A 202 -10.64 -18.77 1.44
C LEU A 202 -11.84 -18.27 0.64
N LEU A 203 -11.94 -18.71 -0.61
CA LEU A 203 -13.00 -18.28 -1.52
C LEU A 203 -13.99 -19.41 -1.74
N TRP A 204 -15.27 -19.04 -1.81
CA TRP A 204 -16.29 -19.99 -2.19
C TRP A 204 -16.09 -20.41 -3.64
N PRO A 205 -16.55 -21.60 -4.02
CA PRO A 205 -16.29 -22.07 -5.39
C PRO A 205 -16.72 -21.06 -6.45
N ARG A 206 -17.87 -20.41 -6.23
CA ARG A 206 -18.32 -19.37 -7.14
C ARG A 206 -17.31 -18.22 -7.21
N GLU A 207 -16.67 -17.91 -6.09
CA GLU A 207 -15.72 -16.80 -6.06
C GLU A 207 -14.45 -17.13 -6.84
N TRP A 208 -14.03 -18.41 -6.84
CA TRP A 208 -12.90 -18.79 -7.69
C TRP A 208 -13.20 -18.51 -9.15
N LEU A 209 -14.44 -18.73 -9.58
CA LEU A 209 -14.81 -18.41 -10.95
C LEU A 209 -14.71 -16.91 -11.22
N GLU A 210 -15.24 -16.10 -10.31
CA GLU A 210 -15.15 -14.65 -10.47
C GLU A 210 -13.71 -14.20 -10.62
N VAL A 211 -12.81 -14.73 -9.79
CA VAL A 211 -11.39 -14.37 -9.90
C VAL A 211 -10.85 -14.82 -11.25
N GLY A 212 -11.35 -15.94 -11.78
CA GLY A 212 -10.92 -16.35 -13.11
C GLY A 212 -11.41 -15.40 -14.19
N ARG A 213 -12.69 -15.01 -14.11
CA ARG A 213 -13.23 -14.08 -15.10
C ARG A 213 -12.52 -12.74 -15.04
N LEU A 214 -12.30 -12.21 -13.84
CA LEU A 214 -11.63 -10.92 -13.71
C LEU A 214 -10.21 -10.99 -14.27
N GLN A 215 -9.50 -12.10 -14.01
CA GLN A 215 -8.16 -12.27 -14.57
C GLN A 215 -8.19 -12.15 -16.10
N ARG A 216 -8.97 -13.01 -16.76
CA ARG A 216 -9.05 -12.99 -18.20
C ARG A 216 -9.50 -11.64 -18.74
N LEU A 217 -10.29 -10.90 -17.94
CA LEU A 217 -10.78 -9.61 -18.39
C LEU A 217 -9.64 -8.60 -18.48
N PHE A 218 -8.90 -8.43 -17.39
CA PHE A 218 -7.82 -7.47 -17.41
C PHE A 218 -6.72 -7.89 -18.36
N HIS A 219 -6.43 -9.19 -18.44
CA HIS A 219 -5.44 -9.66 -19.40
C HIS A 219 -5.75 -9.16 -20.80
N LYS A 220 -7.04 -9.13 -21.16
CA LYS A 220 -7.40 -8.68 -22.50
C LYS A 220 -7.32 -7.15 -22.61
N MET A 221 -7.92 -6.43 -21.66
CA MET A 221 -7.90 -4.97 -21.74
C MET A 221 -6.49 -4.43 -21.76
N LEU A 222 -5.61 -4.96 -20.92
CA LEU A 222 -4.23 -4.53 -20.86
C LEU A 222 -3.33 -5.26 -21.86
N SER A 223 -3.92 -6.07 -22.74
CA SER A 223 -3.14 -6.90 -23.64
C SER A 223 -2.14 -6.05 -24.42
N VAL A 224 -0.99 -6.64 -24.73
CA VAL A 224 0.06 -5.95 -25.47
C VAL A 224 -0.19 -5.93 -26.96
N SER A 225 -1.24 -6.58 -27.44
CA SER A 225 -1.70 -6.42 -28.80
C SER A 225 -2.73 -5.31 -28.94
N HIS A 226 -3.57 -5.11 -27.94
CA HIS A 226 -4.59 -4.07 -27.94
C HIS A 226 -4.04 -2.73 -28.41
N GLU A 229 -2.99 0.65 -30.05
CA GLU A 229 -3.72 1.85 -30.40
C GLU A 229 -3.52 2.95 -29.36
N LYS A 230 -2.98 2.60 -28.20
CA LYS A 230 -2.74 3.58 -27.15
C LYS A 230 -1.48 4.38 -27.44
N GLU A 231 -1.51 5.66 -27.05
CA GLU A 231 -0.41 6.58 -27.29
C GLU A 231 0.12 7.13 -25.96
N GLY A 232 1.43 7.36 -25.92
CA GLY A 232 2.05 7.96 -24.77
C GLY A 232 1.87 7.19 -23.48
N ILE A 233 2.37 5.96 -23.43
CA ILE A 233 2.36 5.17 -22.21
C ILE A 233 3.60 5.52 -21.40
N SER A 234 3.47 5.47 -20.07
CA SER A 234 4.56 5.88 -19.21
C SER A 234 5.85 5.19 -19.61
N ASN A 235 6.97 5.90 -19.50
CA ASN A 235 8.26 5.27 -19.72
C ASN A 235 8.47 4.12 -18.76
N TRP A 236 7.91 4.22 -17.56
CA TRP A 236 8.04 3.14 -16.58
C TRP A 236 7.52 1.83 -17.14
N LEU A 237 6.33 1.84 -17.74
CA LEU A 237 5.75 0.60 -18.25
C LEU A 237 6.45 0.12 -19.51
N GLY A 238 6.65 1.02 -20.48
CA GLY A 238 7.28 0.62 -21.73
C GLY A 238 8.70 0.13 -21.52
N ASN A 239 9.43 0.77 -20.60
CA ASN A 239 10.77 0.30 -20.25
C ASN A 239 10.75 -1.14 -19.76
N MET A 240 9.69 -1.51 -19.03
CA MET A 240 9.63 -2.84 -18.45
C MET A 240 9.21 -3.89 -19.48
N LEU A 241 8.29 -3.54 -20.37
CA LEU A 241 7.92 -4.48 -21.44
C LEU A 241 9.07 -4.68 -22.41
N GLN A 242 9.91 -3.67 -22.61
CA GLN A 242 11.08 -3.84 -23.48
C GLN A 242 12.00 -4.93 -22.94
N PHE A 243 12.24 -4.91 -21.62
CA PHE A 243 13.03 -5.96 -21.00
C PHE A 243 12.39 -7.32 -21.21
N LEU A 244 11.07 -7.40 -21.00
CA LEU A 244 10.38 -8.68 -21.09
C LEU A 244 10.44 -9.24 -22.49
N ARG A 245 10.02 -8.45 -23.49
CA ARG A 245 10.10 -8.92 -24.87
C ARG A 245 11.53 -9.25 -25.26
N GLU A 246 12.51 -8.55 -24.68
CA GLU A 246 13.91 -8.80 -25.02
C GLU A 246 14.42 -10.10 -24.43
N GLN A 247 13.77 -10.63 -23.39
CA GLN A 247 14.15 -11.90 -22.80
C GLN A 247 13.25 -13.03 -23.28
N GLY A 248 12.50 -12.83 -24.35
CA GLY A 248 11.66 -13.89 -24.88
C GLY A 248 10.41 -14.18 -24.07
N VAL A 249 9.98 -13.26 -23.21
CA VAL A 249 8.75 -13.41 -22.47
C VAL A 249 7.60 -13.34 -23.47
N PRO A 250 6.73 -14.35 -23.55
CA PRO A 250 5.61 -14.28 -24.50
C PRO A 250 4.70 -13.10 -24.19
N SER A 251 3.79 -12.84 -25.12
CA SER A 251 2.84 -11.75 -24.93
C SER A 251 1.80 -12.11 -23.88
N ALA A 252 1.35 -13.37 -23.85
CA ALA A 252 0.38 -13.78 -22.85
C ALA A 252 0.90 -13.53 -21.44
N MET A 253 2.17 -13.86 -21.20
CA MET A 253 2.77 -13.59 -19.89
C MET A 253 2.98 -12.10 -19.68
N GLN A 254 3.23 -11.34 -20.75
CA GLN A 254 3.28 -9.89 -20.62
C GLN A 254 1.94 -9.32 -20.17
N ASP A 255 0.83 -9.92 -20.63
CA ASP A 255 -0.48 -9.47 -20.18
C ASP A 255 -0.67 -9.72 -18.69
N LYS A 256 -0.25 -10.90 -18.21
CA LYS A 256 -0.29 -11.17 -16.78
C LYS A 256 0.61 -10.20 -16.02
N PHE A 257 1.77 -9.86 -16.59
CA PHE A 257 2.63 -8.86 -15.98
C PHE A 257 1.91 -7.52 -15.86
N ASN A 258 1.26 -7.08 -16.93
CA ASN A 258 0.59 -5.79 -16.91
C ASN A 258 -0.49 -5.73 -15.83
N PHE A 259 -1.26 -6.82 -15.68
CA PHE A 259 -2.31 -6.83 -14.67
C PHE A 259 -1.73 -6.73 -13.26
N MET A 260 -0.65 -7.46 -13.01
CA MET A 260 0.04 -7.36 -11.72
C MET A 260 0.53 -5.94 -11.48
N MET A 261 1.12 -5.29 -12.48
CA MET A 261 1.58 -3.93 -12.21
C MET A 261 0.40 -2.96 -12.09
N LEU A 262 -0.72 -3.17 -12.80
CA LEU A 262 -1.89 -2.32 -12.57
C LEU A 262 -2.33 -2.40 -11.11
N TRP A 263 -2.41 -3.61 -10.57
CA TRP A 263 -2.84 -3.77 -9.19
C TRP A 263 -1.80 -3.21 -8.23
N ALA A 264 -0.52 -3.33 -8.56
CA ALA A 264 0.53 -2.85 -7.67
C ALA A 264 0.54 -1.33 -7.61
N SER A 265 0.24 -0.65 -8.71
CA SER A 265 0.34 0.80 -8.76
C SER A 265 -0.97 1.48 -8.37
N GLN A 266 -2.10 0.78 -8.44
CA GLN A 266 -3.39 1.38 -8.09
C GLN A 266 -4.01 0.77 -6.84
N GLY A 267 -3.37 -0.21 -6.22
CA GLY A 267 -3.99 -0.94 -5.13
C GLY A 267 -4.06 -0.20 -3.81
N ASN A 268 -3.18 0.76 -3.58
CA ASN A 268 -3.12 1.46 -2.30
C ASN A 268 -3.22 2.95 -2.42
N THR A 269 -2.83 3.54 -3.55
CA THR A 269 -2.85 4.99 -3.67
C THR A 269 -4.24 5.55 -3.39
N GLY A 270 -5.29 4.92 -3.92
CA GLY A 270 -6.65 5.38 -3.72
C GLY A 270 -7.11 5.31 -2.28
N PRO A 271 -7.04 4.11 -1.69
CA PRO A 271 -7.44 3.98 -0.28
C PRO A 271 -6.67 4.89 0.66
N THR A 272 -5.40 5.17 0.37
CA THR A 272 -4.66 6.10 1.20
C THR A 272 -5.18 7.52 1.06
N SER A 273 -5.64 7.88 -0.15
CA SER A 273 -6.28 9.18 -0.33
C SER A 273 -7.57 9.27 0.48
N PHE A 274 -8.33 8.18 0.52
CA PHE A 274 -9.56 8.16 1.29
C PHE A 274 -9.31 8.54 2.74
N TRP A 275 -8.36 7.86 3.40
CA TRP A 275 -8.15 8.09 4.83
C TRP A 275 -7.64 9.49 5.12
N ALA A 276 -6.73 10.00 4.28
CA ALA A 276 -6.22 11.34 4.48
C ALA A 276 -7.34 12.37 4.44
N LEU A 277 -8.11 12.38 3.35
CA LEU A 277 -9.22 13.30 3.24
C LEU A 277 -10.21 13.10 4.38
N LEU A 278 -10.47 11.85 4.76
CA LEU A 278 -11.41 11.59 5.84
C LEU A 278 -10.87 12.10 7.17
N TYR A 279 -9.59 11.86 7.46
CA TYR A 279 -8.99 12.41 8.67
C TYR A 279 -9.02 13.93 8.65
N LEU A 280 -8.80 14.53 7.47
CA LEU A 280 -8.81 15.99 7.38
C LEU A 280 -10.21 16.54 7.63
N LEU A 281 -11.24 15.86 7.14
CA LEU A 281 -12.61 16.34 7.37
C LEU A 281 -13.01 16.21 8.83
N LYS A 282 -12.48 15.21 9.54
CA LYS A 282 -12.85 14.98 10.93
C LYS A 282 -12.03 15.81 11.91
N HIS A 283 -11.14 16.67 11.42
CA HIS A 283 -10.29 17.48 12.29
C HIS A 283 -10.17 18.87 11.68
N PRO A 284 -11.07 19.79 12.07
CA PRO A 284 -11.04 21.14 11.45
C PRO A 284 -9.70 21.82 11.62
N GLU A 285 -9.08 21.64 12.78
CA GLU A 285 -7.70 22.04 13.03
C GLU A 285 -6.79 21.75 11.85
N ALA A 286 -6.87 20.53 11.32
CA ALA A 286 -5.88 20.08 10.35
C ALA A 286 -6.23 20.54 8.93
N ILE A 287 -7.50 20.43 8.55
CA ILE A 287 -7.87 20.75 7.17
C ILE A 287 -7.63 22.22 6.86
N ARG A 288 -7.65 23.09 7.88
CA ARG A 288 -7.36 24.49 7.63
C ARG A 288 -5.87 24.72 7.41
N ALA A 289 -5.02 23.98 8.12
CA ALA A 289 -3.58 24.15 7.95
C ALA A 289 -3.14 23.82 6.53
N VAL A 290 -3.72 22.77 5.94
CA VAL A 290 -3.30 22.36 4.60
C VAL A 290 -3.96 23.24 3.55
N ARG A 291 -5.24 23.56 3.73
CA ARG A 291 -5.90 24.50 2.81
C ARG A 291 -5.13 25.80 2.72
N GLU A 292 -4.67 26.33 3.86
CA GLU A 292 -3.94 27.58 3.86
C GLU A 292 -2.57 27.42 3.23
N GLU A 293 -1.84 26.37 3.61
CA GLU A 293 -0.61 26.03 2.91
C GLU A 293 -0.86 25.92 1.40
N ALA A 294 -1.99 25.31 1.04
CA ALA A 294 -2.26 25.06 -0.39
C ALA A 294 -2.34 26.36 -1.17
N THR A 295 -3.15 27.32 -0.70
CA THR A 295 -3.36 28.55 -1.44
C THR A 295 -2.04 29.18 -1.87
N GLN A 296 -1.13 29.37 -0.91
CA GLN A 296 0.19 29.91 -1.20
C GLN A 296 1.19 28.79 -1.40
N LEU A 313 2.32 23.70 -10.57
CA LEU A 313 3.75 23.70 -10.86
C LEU A 313 4.53 23.08 -9.70
N GLY A 314 5.85 23.09 -9.79
CA GLY A 314 6.70 22.35 -8.89
C GLY A 314 6.77 22.89 -7.47
N ALA A 315 5.64 22.90 -6.77
CA ALA A 315 5.59 23.28 -5.37
C ALA A 315 5.30 22.09 -4.46
N LEU A 316 5.15 20.89 -5.02
CA LEU A 316 4.90 19.71 -4.19
C LEU A 316 5.97 19.54 -3.12
N GLN A 317 7.21 19.96 -3.42
CA GLN A 317 8.30 19.89 -2.45
C GLN A 317 8.21 20.98 -1.40
N HIS A 318 7.18 21.83 -1.44
CA HIS A 318 7.03 22.95 -0.53
C HIS A 318 5.73 22.86 0.26
N THR A 319 5.36 21.65 0.65
CA THR A 319 4.15 21.40 1.44
C THR A 319 4.51 20.59 2.68
N PRO A 320 5.22 21.19 3.63
CA PRO A 320 5.54 20.45 4.86
C PRO A 320 4.32 20.01 5.65
N VAL A 321 3.26 20.83 5.66
CA VAL A 321 2.06 20.46 6.42
C VAL A 321 1.39 19.26 5.80
N LEU A 322 1.12 19.31 4.49
CA LEU A 322 0.54 18.16 3.81
C LEU A 322 1.43 16.94 3.97
N ASP A 323 2.75 17.11 3.82
CA ASP A 323 3.68 16.00 4.00
C ASP A 323 3.41 15.28 5.32
N SER A 324 3.25 16.05 6.40
CA SER A 324 3.03 15.46 7.72
C SER A 324 1.63 14.89 7.87
N VAL A 325 0.64 15.46 7.16
CA VAL A 325 -0.70 14.86 7.17
C VAL A 325 -0.66 13.49 6.52
N VAL A 326 0.21 13.30 5.53
CA VAL A 326 0.25 12.04 4.80
C VAL A 326 1.12 10.99 5.49
N GLU A 327 2.18 11.42 6.18
CA GLU A 327 2.91 10.47 7.03
C GLU A 327 1.99 9.94 8.12
N GLU A 328 1.28 10.85 8.80
CA GLU A 328 0.39 10.44 9.90
C GLU A 328 -0.70 9.50 9.39
N THR A 329 -1.26 9.76 8.22
CA THR A 329 -2.24 8.86 7.64
C THR A 329 -1.65 7.48 7.41
N LEU A 330 -0.49 7.44 6.74
CA LEU A 330 0.18 6.16 6.49
C LEU A 330 0.56 5.48 7.80
N ARG A 331 0.95 6.26 8.82
CA ARG A 331 1.24 5.66 10.12
C ARG A 331 0.01 4.95 10.67
N LEU A 332 -1.17 5.53 10.47
CA LEU A 332 -2.38 4.97 11.05
C LEU A 332 -3.04 3.90 10.19
N ARG A 333 -2.75 3.86 8.89
CA ARG A 333 -3.50 2.98 8.00
C ARG A 333 -2.66 2.17 7.02
N ALA A 334 -1.34 2.35 6.99
CA ALA A 334 -0.46 1.49 6.20
C ALA A 334 0.06 0.40 7.13
N ALA A 335 -0.46 -0.82 6.95
CA ALA A 335 -0.15 -1.95 7.82
C ALA A 335 0.32 -3.13 6.99
N PRO A 336 1.50 -3.05 6.38
CA PRO A 336 2.04 -4.18 5.63
C PRO A 336 2.86 -5.12 6.50
N THR A 337 3.06 -6.32 5.98
CA THR A 337 4.02 -7.28 6.53
C THR A 337 5.27 -7.25 5.66
N LEU A 338 6.42 -7.28 6.31
CA LEU A 338 7.72 -7.30 5.64
C LEU A 338 8.26 -8.73 5.71
N LEU A 339 8.23 -9.42 4.58
CA LEU A 339 8.56 -10.85 4.53
C LEU A 339 9.87 -11.05 3.78
N ARG A 340 10.71 -11.94 4.34
CA ARG A 340 11.99 -12.30 3.75
C ARG A 340 12.19 -13.79 3.90
N LEU A 341 12.51 -14.47 2.81
CA LEU A 341 12.97 -15.85 2.87
C LEU A 341 14.44 -15.95 3.24
N VAL A 342 14.74 -16.88 4.15
CA VAL A 342 16.08 -17.13 4.63
C VAL A 342 16.67 -18.26 3.79
N HIS A 343 17.71 -17.98 3.01
CA HIS A 343 18.26 -18.99 2.11
C HIS A 343 19.60 -19.52 2.62
N GLU A 344 20.13 -18.90 3.67
CA GLU A 344 21.22 -19.43 4.47
C GLU A 344 20.88 -19.22 5.93
N ASP A 345 21.26 -20.16 6.78
CA ASP A 345 20.94 -20.07 8.20
C ASP A 345 21.28 -18.68 8.75
N TYR A 346 20.29 -18.01 9.31
CA TYR A 346 20.40 -16.63 9.77
C TYR A 346 20.44 -16.58 11.29
N THR A 347 21.33 -15.76 11.83
CA THR A 347 21.51 -15.60 13.27
C THR A 347 21.15 -14.19 13.66
N LEU A 348 20.09 -14.04 14.45
CA LEU A 348 19.63 -12.74 14.88
C LEU A 348 20.03 -12.50 16.33
N LYS A 349 20.69 -11.38 16.58
CA LYS A 349 20.96 -10.97 17.94
C LYS A 349 20.05 -9.82 18.37
N MET A 350 19.22 -10.11 19.36
CA MET A 350 18.36 -9.18 20.09
C MET A 350 19.15 -8.22 20.98
N SER A 351 18.61 -7.01 21.09
CA SER A 351 19.13 -6.03 22.05
C SER A 351 19.25 -6.64 23.43
N SER A 352 18.28 -7.47 23.81
CA SER A 352 18.30 -8.12 25.12
C SER A 352 19.66 -8.69 25.46
N GLY A 353 20.22 -9.48 24.55
CA GLY A 353 21.42 -10.24 24.85
C GLY A 353 21.28 -11.69 24.43
N GLN A 354 20.14 -12.01 23.83
CA GLN A 354 19.86 -13.35 23.34
C GLN A 354 20.05 -13.47 21.83
N GLU A 355 20.62 -14.60 21.41
CA GLU A 355 20.77 -14.94 20.00
C GLU A 355 19.73 -15.97 19.59
N TYR A 356 19.28 -15.87 18.34
CA TYR A 356 18.27 -16.76 17.79
C TYR A 356 18.73 -17.22 16.41
N LEU A 357 18.59 -18.52 16.14
CA LEU A 357 18.92 -19.07 14.83
C LEU A 357 17.65 -19.28 14.03
N PHE A 358 17.67 -18.88 12.76
CA PHE A 358 16.56 -19.08 11.84
C PHE A 358 17.01 -20.06 10.76
N ARG A 359 16.18 -21.06 10.48
CA ARG A 359 16.53 -22.05 9.48
C ARG A 359 16.33 -21.51 8.07
N HIS A 360 17.25 -21.87 7.18
CA HIS A 360 17.03 -21.62 5.76
C HIS A 360 15.70 -22.25 5.34
N GLY A 361 14.95 -21.53 4.51
CA GLY A 361 13.62 -21.95 4.12
C GLY A 361 12.51 -21.32 4.94
N ASP A 362 12.79 -20.88 6.17
CA ASP A 362 11.80 -20.21 6.98
C ASP A 362 11.58 -18.79 6.46
N ILE A 363 10.42 -18.23 6.79
CA ILE A 363 10.04 -16.89 6.37
C ILE A 363 10.23 -15.96 7.56
N LEU A 364 11.16 -15.00 7.41
CA LEU A 364 11.32 -13.94 8.39
C LEU A 364 10.24 -12.89 8.14
N ALA A 365 9.55 -12.48 9.20
CA ALA A 365 8.39 -11.61 9.07
C ALA A 365 8.44 -10.49 10.10
N LEU A 366 8.20 -9.27 9.66
CA LEU A 366 7.99 -8.13 10.53
C LEU A 366 6.62 -7.54 10.28
N PHE A 367 6.04 -6.98 11.33
CA PHE A 367 4.74 -6.29 11.25
C PHE A 367 4.93 -4.92 11.89
N PRO A 368 5.54 -3.98 11.17
CA PRO A 368 5.87 -2.68 11.79
C PRO A 368 4.65 -1.91 12.31
N TYR A 369 3.44 -2.25 11.86
CA TYR A 369 2.26 -1.54 12.36
C TYR A 369 2.12 -1.72 13.87
N LEU A 370 2.25 -2.96 14.34
CA LEU A 370 2.14 -3.20 15.77
C LEU A 370 3.42 -2.82 16.50
N SER A 371 4.58 -3.11 15.92
CA SER A 371 5.84 -2.92 16.61
C SER A 371 6.26 -1.45 16.66
N VAL A 372 5.96 -0.69 15.61
CA VAL A 372 6.45 0.69 15.47
C VAL A 372 5.29 1.68 15.48
N HIS A 373 4.34 1.53 14.56
CA HIS A 373 3.33 2.56 14.36
C HIS A 373 2.53 2.80 15.63
N MET A 374 2.11 1.73 16.32
CA MET A 374 1.18 1.83 17.43
C MET A 374 1.87 1.67 18.78
N ASP A 375 3.19 1.83 18.83
CA ASP A 375 3.91 1.78 20.10
C ASP A 375 3.76 3.11 20.83
N PRO A 376 3.14 3.15 22.01
CA PRO A 376 2.91 4.45 22.66
C PRO A 376 4.19 5.14 23.11
N ASP A 377 5.30 4.41 23.28
CA ASP A 377 6.56 5.07 23.63
C ASP A 377 7.08 5.91 22.47
N ILE A 378 6.92 5.42 21.24
CA ILE A 378 7.40 6.15 20.08
C ILE A 378 6.39 7.21 19.65
N HIS A 379 5.11 6.89 19.74
CA HIS A 379 4.03 7.78 19.29
C HIS A 379 2.96 7.86 20.36
N PRO A 380 3.03 8.85 21.25
CA PRO A 380 2.00 8.98 22.29
C PRO A 380 0.61 9.19 21.67
N GLU A 381 -0.40 8.68 22.37
CA GLU A 381 -1.77 8.61 21.86
C GLU A 381 -1.76 8.06 20.44
N PRO A 382 -1.20 6.86 20.22
CA PRO A 382 -0.92 6.42 18.84
C PRO A 382 -2.16 6.22 17.99
N THR A 383 -3.30 5.91 18.59
CA THR A 383 -4.53 5.68 17.84
C THR A 383 -5.28 6.97 17.52
N VAL A 384 -4.61 8.12 17.62
CA VAL A 384 -5.23 9.42 17.44
C VAL A 384 -4.58 10.09 16.24
N PHE A 385 -5.40 10.58 15.31
CA PHE A 385 -4.87 11.35 14.20
C PHE A 385 -4.42 12.71 14.69
N LYS A 386 -3.13 12.98 14.59
CA LYS A 386 -2.53 14.25 14.98
C LYS A 386 -1.79 14.77 13.75
N TYR A 387 -2.45 15.62 12.97
CA TYR A 387 -1.90 16.04 11.68
C TYR A 387 -0.50 16.62 11.81
N ASP A 388 -0.13 17.13 12.97
CA ASP A 388 1.17 17.76 13.18
C ASP A 388 2.19 16.81 13.82
N ARG A 389 1.88 15.51 13.87
CA ARG A 389 2.73 14.59 14.60
C ARG A 389 4.17 14.61 14.11
N PHE A 390 4.38 14.86 12.82
CA PHE A 390 5.72 14.86 12.24
C PHE A 390 6.17 16.28 11.88
N LEU A 391 5.70 17.27 12.61
CA LEU A 391 6.07 18.65 12.39
C LEU A 391 6.75 19.20 13.63
N ASN A 392 7.86 19.92 13.41
CA ASN A 392 8.58 20.60 14.47
C ASN A 392 7.91 21.93 14.80
N PRO A 393 8.10 22.43 16.01
CA PRO A 393 7.40 23.68 16.41
C PRO A 393 7.56 24.80 15.39
N ASN A 394 8.69 24.85 14.71
CA ASN A 394 8.93 25.84 13.66
C ASN A 394 8.47 25.37 12.29
N GLY A 395 7.65 24.32 12.23
CA GLY A 395 7.16 23.81 10.97
C GLY A 395 8.15 22.97 10.20
N SER A 396 9.39 22.86 10.66
CA SER A 396 10.36 21.98 10.02
C SER A 396 9.94 20.53 10.22
N ARG A 397 10.56 19.65 9.44
CA ARG A 397 10.28 18.21 9.49
C ARG A 397 10.86 17.56 10.73
N LYS A 398 10.01 16.86 11.48
CA LYS A 398 10.43 16.20 12.71
C LYS A 398 10.83 14.77 12.38
N VAL A 399 12.10 14.44 12.64
CA VAL A 399 12.63 13.13 12.29
C VAL A 399 13.32 12.51 13.50
N ASP A 400 12.98 12.97 14.69
CA ASP A 400 13.62 12.55 15.93
C ASP A 400 12.59 11.85 16.81
N PHE A 401 12.66 10.52 16.85
CA PHE A 401 11.73 9.71 17.62
C PHE A 401 12.51 8.71 18.46
N PHE A 402 11.95 8.40 19.64
CA PHE A 402 12.66 7.58 20.61
C PHE A 402 11.70 6.60 21.27
N LYS A 403 12.24 5.42 21.59
CA LYS A 403 11.58 4.45 22.46
C LYS A 403 12.41 4.36 23.73
N THR A 404 11.94 5.02 24.79
CA THR A 404 12.61 5.05 26.08
C THR A 404 14.10 5.40 25.89
N GLY A 405 14.32 6.61 25.35
CA GLY A 405 15.64 7.19 25.27
C GLY A 405 16.46 6.79 24.07
N LYS A 406 16.10 5.73 23.37
CA LYS A 406 16.91 5.19 22.28
C LYS A 406 16.30 5.60 20.95
N LYS A 407 17.15 6.15 20.08
CA LYS A 407 16.67 6.72 18.83
C LYS A 407 16.19 5.64 17.89
N ILE A 408 15.00 5.83 17.34
CA ILE A 408 14.36 4.88 16.43
C ILE A 408 14.44 5.48 15.03
N HIS A 409 15.43 5.05 14.24
CA HIS A 409 15.48 5.48 12.85
C HIS A 409 14.25 5.05 12.09
N HIS A 410 13.65 3.91 12.47
CA HIS A 410 12.46 3.38 11.79
C HIS A 410 11.23 3.69 12.65
N TYR A 411 10.75 4.93 12.53
CA TYR A 411 9.59 5.37 13.29
C TYR A 411 8.28 5.26 12.51
N THR A 412 8.35 5.28 11.18
CA THR A 412 7.24 5.00 10.29
C THR A 412 7.78 4.06 9.22
N MET A 413 7.00 3.04 8.85
CA MET A 413 7.44 2.05 7.87
C MET A 413 6.32 1.68 6.92
N PRO A 414 5.76 2.67 6.19
CA PRO A 414 4.72 2.34 5.20
C PRO A 414 5.26 1.72 3.93
N TRP A 415 6.52 1.97 3.58
CA TRP A 415 7.11 1.47 2.35
C TRP A 415 8.06 0.29 2.55
N GLY A 416 8.50 0.03 3.78
CA GLY A 416 9.46 -1.01 4.04
C GLY A 416 10.87 -0.48 4.10
N SER A 417 11.86 -1.30 3.79
CA SER A 417 13.24 -0.83 3.76
C SER A 417 14.06 -1.85 3.00
N GLY A 418 15.35 -1.57 2.83
CA GLY A 418 16.21 -2.48 2.09
C GLY A 418 16.08 -2.32 0.58
N VAL A 419 16.50 -3.36 -0.13
CA VAL A 419 16.56 -3.32 -1.59
C VAL A 419 15.19 -3.64 -2.19
N SER A 420 14.17 -3.73 -1.34
CA SER A 420 12.81 -4.04 -1.80
C SER A 420 11.82 -2.96 -1.39
N ILE A 421 12.29 -1.79 -0.95
CA ILE A 421 11.39 -0.72 -0.56
C ILE A 421 10.63 -0.23 -1.77
N CYS A 422 9.37 0.12 -1.56
CA CYS A 422 8.46 0.41 -2.66
C CYS A 422 9.06 1.35 -3.69
N PRO A 423 9.29 0.87 -4.92
CA PRO A 423 9.89 1.74 -5.94
C PRO A 423 8.92 2.77 -6.50
N GLY A 424 7.67 2.80 -6.07
CA GLY A 424 6.71 3.77 -6.56
C GLY A 424 6.21 4.69 -5.47
N ARG A 425 6.95 4.76 -4.35
CA ARG A 425 6.46 5.51 -3.20
C ARG A 425 6.48 7.02 -3.46
N PHE A 426 7.37 7.50 -4.33
CA PHE A 426 7.40 8.91 -4.66
C PHE A 426 6.25 9.30 -5.57
N PHE A 427 5.94 8.45 -6.55
CA PHE A 427 4.75 8.68 -7.36
C PHE A 427 3.49 8.62 -6.50
N ALA A 428 3.34 7.53 -5.72
CA ALA A 428 2.19 7.42 -4.83
C ALA A 428 1.99 8.70 -4.03
N LEU A 429 3.09 9.30 -3.56
CA LEU A 429 2.99 10.49 -2.74
C LEU A 429 2.56 11.70 -3.56
N SER A 430 3.13 11.87 -4.76
CA SER A 430 2.63 12.89 -5.67
C SER A 430 1.16 12.64 -5.99
N GLU A 431 0.82 11.39 -6.29
CA GLU A 431 -0.57 11.03 -6.54
C GLU A 431 -1.47 11.52 -5.43
N VAL A 432 -1.16 11.16 -4.19
CA VAL A 432 -2.06 11.46 -3.07
C VAL A 432 -2.05 12.95 -2.73
N LYS A 433 -0.88 13.58 -2.81
CA LYS A 433 -0.80 14.99 -2.44
C LYS A 433 -1.57 15.86 -3.42
N LEU A 434 -1.45 15.61 -4.72
CA LEU A 434 -2.19 16.38 -5.70
C LEU A 434 -3.69 16.24 -5.48
N PHE A 435 -4.16 15.00 -5.29
CA PHE A 435 -5.59 14.78 -5.06
C PHE A 435 -6.09 15.63 -3.90
N ILE A 436 -5.42 15.55 -2.76
CA ILE A 436 -5.84 16.30 -1.58
C ILE A 436 -5.93 17.79 -1.91
N LEU A 437 -4.83 18.36 -2.39
CA LEU A 437 -4.81 19.78 -2.73
C LEU A 437 -6.01 20.16 -3.59
N LEU A 438 -6.22 19.41 -4.68
CA LEU A 438 -7.30 19.75 -5.59
C LEU A 438 -8.66 19.66 -4.89
N MET A 439 -8.83 18.68 -4.00
CA MET A 439 -10.11 18.52 -3.32
C MET A 439 -10.36 19.66 -2.34
N VAL A 440 -9.41 19.90 -1.43
CA VAL A 440 -9.62 20.88 -0.38
C VAL A 440 -9.64 22.30 -0.93
N THR A 441 -9.06 22.53 -2.11
CA THR A 441 -9.09 23.86 -2.73
C THR A 441 -10.41 24.15 -3.44
N HIS A 442 -10.82 23.28 -4.36
CA HIS A 442 -11.89 23.61 -5.29
C HIS A 442 -13.25 23.06 -4.87
N PHE A 443 -13.35 22.49 -3.67
CA PHE A 443 -14.62 21.87 -3.27
C PHE A 443 -14.98 22.23 -1.83
N ASP A 444 -16.27 22.41 -1.61
CA ASP A 444 -16.84 22.41 -0.26
C ASP A 444 -17.10 20.97 0.15
N LEU A 445 -16.56 20.54 1.29
CA LEU A 445 -16.71 19.15 1.69
C LEU A 445 -17.39 19.07 3.04
N GLU A 446 -18.29 18.10 3.20
CA GLU A 446 -18.92 17.83 4.49
C GLU A 446 -19.25 16.35 4.58
N LEU A 447 -19.13 15.78 5.79
CA LEU A 447 -19.65 14.45 6.04
C LEU A 447 -21.17 14.53 6.20
N VAL A 448 -21.88 13.61 5.55
CA VAL A 448 -23.33 13.48 5.80
C VAL A 448 -23.61 13.29 7.29
N ASP A 449 -22.77 12.54 7.99
CA ASP A 449 -22.96 12.25 9.40
C ASP A 449 -21.61 12.44 10.09
N PRO A 450 -21.23 13.68 10.41
CA PRO A 450 -19.97 13.89 11.15
C PRO A 450 -20.00 13.35 12.57
N ASP A 451 -21.14 12.85 13.04
CA ASP A 451 -21.29 12.38 14.41
C ASP A 451 -20.94 10.91 14.58
N THR A 452 -21.05 10.10 13.52
CA THR A 452 -20.75 8.68 13.66
C THR A 452 -19.23 8.45 13.68
N PRO A 453 -18.78 7.41 14.36
CA PRO A 453 -17.34 7.16 14.45
C PRO A 453 -16.75 6.72 13.11
N LEU A 454 -15.46 6.99 12.95
CA LEU A 454 -14.77 6.55 11.75
C LEU A 454 -14.95 5.06 11.56
N PRO A 455 -15.10 4.56 10.33
CA PRO A 455 -15.03 3.11 10.12
C PRO A 455 -13.70 2.57 10.61
N HIS A 456 -13.73 1.38 11.19
CA HIS A 456 -12.51 0.72 11.61
C HIS A 456 -11.92 -0.07 10.45
N VAL A 457 -10.66 -0.45 10.60
CA VAL A 457 -10.00 -1.25 9.57
C VAL A 457 -10.77 -2.54 9.35
N ASP A 458 -10.89 -2.95 8.08
CA ASP A 458 -11.38 -4.28 7.78
C ASP A 458 -10.28 -5.28 8.13
N PRO A 459 -10.46 -6.14 9.15
CA PRO A 459 -9.33 -6.97 9.59
C PRO A 459 -8.89 -8.02 8.58
N GLN A 460 -9.68 -8.31 7.55
CA GLN A 460 -9.30 -9.34 6.59
C GLN A 460 -8.10 -8.92 5.75
N ARG A 461 -7.76 -7.64 5.71
CA ARG A 461 -6.66 -7.15 4.90
C ARG A 461 -5.41 -6.84 5.70
N TRP A 462 -5.42 -7.08 7.01
CA TRP A 462 -4.24 -6.83 7.84
C TRP A 462 -3.00 -7.40 7.15
N GLY A 463 -2.02 -6.55 6.89
CA GLY A 463 -0.74 -6.98 6.37
C GLY A 463 -0.54 -6.86 4.88
N PHE A 464 -1.53 -6.39 4.13
CA PHE A 464 -1.45 -6.39 2.68
C PHE A 464 -1.19 -5.02 2.08
N GLY A 465 -0.87 -4.02 2.89
CA GLY A 465 -0.65 -2.68 2.38
C GLY A 465 -1.44 -1.64 3.14
N THR A 466 -2.16 -0.78 2.43
CA THR A 466 -3.01 0.21 3.08
C THR A 466 -4.35 -0.42 3.43
N MET A 467 -4.78 -0.27 4.67
CA MET A 467 -6.04 -0.86 5.11
C MET A 467 -7.21 -0.12 4.47
N GLN A 468 -8.37 -0.77 4.53
CA GLN A 468 -9.59 -0.29 3.90
C GLN A 468 -10.71 -0.26 4.92
N PRO A 469 -11.66 0.66 4.78
CA PRO A 469 -12.66 0.86 5.85
C PRO A 469 -13.59 -0.32 5.98
N SER A 470 -14.04 -0.57 7.21
CA SER A 470 -15.04 -1.62 7.42
C SER A 470 -16.38 -1.25 6.78
N HIS A 471 -16.67 0.04 6.62
CA HIS A 471 -17.87 0.49 5.95
C HIS A 471 -17.64 1.89 5.37
N ASP A 472 -18.22 2.14 4.19
CA ASP A 472 -18.08 3.43 3.53
C ASP A 472 -18.78 4.52 4.34
N VAL A 473 -18.48 5.78 4.02
CA VAL A 473 -19.08 6.93 4.70
C VAL A 473 -19.65 7.83 3.62
N ARG A 474 -20.85 8.35 3.83
CA ARG A 474 -21.38 9.30 2.84
C ARG A 474 -20.82 10.69 3.09
N PHE A 475 -20.62 11.43 2.01
CA PHE A 475 -20.21 12.82 2.09
C PHE A 475 -20.89 13.59 0.97
N ARG A 476 -21.04 14.89 1.18
CA ARG A 476 -21.63 15.79 0.20
C ARG A 476 -20.58 16.79 -0.23
N TYR A 477 -20.71 17.26 -1.48
CA TYR A 477 -19.74 18.23 -2.00
C TYR A 477 -20.41 19.09 -3.05
N ARG A 478 -19.78 20.22 -3.30
CA ARG A 478 -20.20 21.18 -4.31
C ARG A 478 -19.04 22.15 -4.48
N LEU A 479 -19.08 22.92 -5.57
CA LEU A 479 -18.00 23.83 -5.87
C LEU A 479 -18.13 25.12 -5.03
N HIS A 480 -17.12 25.97 -5.13
CA HIS A 480 -17.17 27.25 -4.46
C HIS A 480 -18.02 28.22 -5.28
#